data_4WPF
#
_entry.id   4WPF
#
_cell.length_a   61.692
_cell.length_b   61.692
_cell.length_c   155.232
_cell.angle_alpha   90.000
_cell.angle_beta   90.000
_cell.angle_gamma   90.000
#
_symmetry.space_group_name_H-M   'P 41'
#
loop_
_entity.id
_entity.type
_entity.pdbx_description
1 polymer 'Nuclear receptor ROR-gamma'
2 polymer RHKILHRLLQEGSPS
3 non-polymer N-[4-(4-acetylpiperazin-1-yl)-2-fluorobenzyl]-N-cyclobutylbenzenesulfonamide
4 water water
#
loop_
_entity_poly.entity_id
_entity_poly.type
_entity_poly.pdbx_seq_one_letter_code
_entity_poly.pdbx_strand_id
1 'polypeptide(L)'
;MHHHHHHGENLYFQGSAPYASLTEIEHLVQSVCKSYRETCQLRLEDLLRQRSNIFSREEVTGYQRKSMWEMWERCAHHLT
EAIQYVVEFAKRLSGFMELCQNDQIVLLKAGAMEVVLVRMCRAYNADNRTVFFEGKYGGMELFRALGCSELISSIFDFSH
SLSALHFSEDEIALYTALVLINAHRPGLQEKRKVEQLQYNLELAFHHHLCKTHRQSILAKLPPKGKLRSLCSQHVERLQI
FQHLHPIVVQAAFPPLYKELFSTE
;
A,D
2 'polypeptide(L)' AHKILHRLLQE B,E
#
# COMPACT_ATOMS: atom_id res chain seq x y z
N TYR A 19 40.08 -14.18 -18.87
CA TYR A 19 40.64 -13.72 -17.56
C TYR A 19 41.36 -14.85 -16.85
N ALA A 20 42.69 -14.76 -16.80
CA ALA A 20 43.52 -15.77 -16.17
C ALA A 20 44.49 -15.16 -15.16
N SER A 21 44.11 -14.02 -14.58
CA SER A 21 44.95 -13.36 -13.58
C SER A 21 44.15 -12.33 -12.78
N LEU A 22 44.61 -12.09 -11.55
CA LEU A 22 43.96 -11.15 -10.62
C LEU A 22 43.96 -9.72 -11.17
N THR A 23 45.05 -9.34 -11.83
CA THR A 23 45.17 -8.03 -12.48
C THR A 23 43.98 -7.78 -13.40
N GLU A 24 43.75 -8.71 -14.33
CA GLU A 24 42.68 -8.59 -15.31
C GLU A 24 41.33 -8.46 -14.63
N ILE A 25 41.03 -9.38 -13.71
CA ILE A 25 39.75 -9.38 -13.01
C ILE A 25 39.54 -8.07 -12.24
N GLU A 26 40.60 -7.57 -11.60
CA GLU A 26 40.53 -6.31 -10.88
C GLU A 26 40.38 -5.11 -11.83
N HIS A 27 40.85 -5.27 -13.08
CA HIS A 27 40.61 -4.28 -14.12
C HIS A 27 39.16 -4.26 -14.50
N LEU A 28 38.53 -5.44 -14.53
CA LEU A 28 37.11 -5.55 -14.83
C LEU A 28 36.26 -4.95 -13.71
N VAL A 29 36.65 -5.21 -12.47
CA VAL A 29 35.97 -4.63 -11.31
C VAL A 29 35.92 -3.10 -11.43
N GLN A 30 37.08 -2.50 -11.66
CA GLN A 30 37.17 -1.03 -11.72
C GLN A 30 36.47 -0.45 -12.94
N SER A 31 36.63 -1.13 -14.08
CA SER A 31 35.90 -0.75 -15.30
C SER A 31 34.40 -0.70 -15.07
N VAL A 32 33.86 -1.69 -14.37
CA VAL A 32 32.42 -1.80 -14.12
C VAL A 32 31.94 -0.76 -13.10
N CYS A 33 32.73 -0.53 -12.06
CA CYS A 33 32.43 0.50 -11.08
C CYS A 33 32.42 1.88 -11.75
N LYS A 34 33.47 2.18 -12.50
CA LYS A 34 33.56 3.45 -13.23
C LYS A 34 32.37 3.66 -14.16
N SER A 35 31.94 2.59 -14.83
CA SER A 35 30.80 2.66 -15.75
C SER A 35 29.50 2.94 -15.02
N TYR A 36 29.37 2.42 -13.80
CA TYR A 36 28.20 2.73 -12.97
C TYR A 36 28.22 4.17 -12.50
N ARG A 37 29.38 4.64 -12.07
CA ARG A 37 29.51 6.03 -11.60
C ARG A 37 29.05 7.01 -12.67
N GLU A 38 29.46 6.77 -13.91
CA GLU A 38 29.15 7.65 -15.03
C GLU A 38 27.70 7.53 -15.53
N THR A 39 26.91 6.65 -14.93
CA THR A 39 25.53 6.42 -15.36
C THR A 39 24.53 6.20 -14.21
N CYS A 40 24.90 6.61 -12.99
CA CYS A 40 24.08 6.30 -11.82
C CYS A 40 22.82 7.18 -11.69
N GLN A 41 22.73 8.21 -12.54
CA GLN A 41 21.60 9.16 -12.58
C GLN A 41 21.58 10.12 -11.38
N LEU A 42 21.47 9.55 -10.18
CA LEU A 42 21.45 10.33 -8.95
C LEU A 42 22.60 9.88 -8.06
N ARG A 43 23.37 10.84 -7.55
CA ARG A 43 24.52 10.53 -6.71
C ARG A 43 24.07 10.13 -5.32
N LEU A 44 24.80 9.21 -4.71
CA LEU A 44 24.49 8.74 -3.37
C LEU A 44 24.45 9.88 -2.36
N GLU A 45 25.39 10.81 -2.48
CA GLU A 45 25.48 11.95 -1.56
C GLU A 45 24.20 12.78 -1.63
N ASP A 46 23.77 13.08 -2.86
CA ASP A 46 22.58 13.89 -3.10
C ASP A 46 21.34 13.25 -2.49
N LEU A 47 21.22 11.93 -2.64
CA LEU A 47 20.08 11.16 -2.12
C LEU A 47 20.04 11.13 -0.60
N LEU A 48 21.20 10.99 0.03
CA LEU A 48 21.29 11.01 1.49
C LEU A 48 21.04 12.42 2.04
N ARG A 49 21.58 13.43 1.36
CA ARG A 49 21.43 14.82 1.80
C ARG A 49 19.98 15.34 1.73
N GLN A 50 19.09 14.59 1.09
CA GLN A 50 17.68 14.97 0.97
C GLN A 50 16.71 14.14 1.85
N ARG A 51 17.25 13.29 2.73
CA ARG A 51 16.40 12.37 3.51
C ARG A 51 15.45 13.06 4.49
N SER A 52 15.81 14.23 5.00
CA SER A 52 14.93 15.01 5.87
C SER A 52 13.89 15.82 5.09
N ASN A 53 14.02 15.84 3.77
CA ASN A 53 13.06 16.50 2.88
C ASN A 53 11.94 15.54 2.50
N ILE A 54 10.94 15.46 3.36
CA ILE A 54 9.86 14.48 3.24
C ILE A 54 8.55 15.20 2.93
N PHE A 55 7.72 14.58 2.10
CA PHE A 55 6.41 15.13 1.73
C PHE A 55 5.53 15.32 2.97
N SER A 56 4.93 16.51 3.09
CA SER A 56 3.96 16.79 4.15
C SER A 56 2.66 16.04 3.89
N ARG A 57 1.77 16.05 4.87
CA ARG A 57 0.49 15.34 4.75
C ARG A 57 -0.44 16.01 3.75
N GLU A 58 -0.35 17.33 3.63
CA GLU A 58 -1.08 18.08 2.62
C GLU A 58 -0.65 17.65 1.22
N GLU A 59 0.65 17.48 1.02
CA GLU A 59 1.18 17.05 -0.27
C GLU A 59 0.85 15.58 -0.57
N VAL A 60 0.94 14.73 0.44
CA VAL A 60 0.57 13.32 0.29
C VAL A 60 -0.88 13.17 -0.14
N THR A 61 -1.77 13.83 0.59
CA THR A 61 -3.20 13.88 0.25
C THR A 61 -3.42 14.38 -1.18
N GLY A 62 -2.60 15.34 -1.61
CA GLY A 62 -2.61 15.84 -2.98
C GLY A 62 -2.22 14.79 -4.00
N TYR A 63 -1.20 13.99 -3.69
CA TYR A 63 -0.78 12.88 -4.56
C TYR A 63 -1.85 11.80 -4.66
N GLN A 64 -2.52 11.51 -3.54
CA GLN A 64 -3.61 10.52 -3.51
C GLN A 64 -4.85 10.98 -4.29
N ARG A 65 -5.07 12.28 -4.36
CA ARG A 65 -6.23 12.85 -5.06
C ARG A 65 -5.99 13.04 -6.57
N LYS A 66 -4.77 12.79 -7.02
CA LYS A 66 -4.48 12.79 -8.45
C LYS A 66 -5.20 11.64 -9.12
N SER A 67 -5.61 11.84 -10.37
CA SER A 67 -6.26 10.79 -11.14
C SER A 67 -5.35 9.58 -11.27
N MET A 68 -5.94 8.40 -11.44
CA MET A 68 -5.17 7.17 -11.63
C MET A 68 -4.27 7.29 -12.85
N TRP A 69 -4.83 7.81 -13.94
CA TRP A 69 -4.12 7.85 -15.20
C TRP A 69 -2.98 8.85 -15.22
N GLU A 70 -3.13 9.98 -14.55
CA GLU A 70 -2.02 10.93 -14.45
C GLU A 70 -0.92 10.36 -13.56
N MET A 71 -1.31 9.71 -12.47
CA MET A 71 -0.34 9.16 -11.55
C MET A 71 0.44 8.01 -12.22
N TRP A 72 -0.24 7.20 -13.03
CA TRP A 72 0.43 6.18 -13.85
C TRP A 72 1.33 6.79 -14.87
N GLU A 73 0.89 7.90 -15.46
CA GLU A 73 1.67 8.61 -16.46
C GLU A 73 2.99 9.17 -15.88
N ARG A 74 2.90 9.82 -14.72
CA ARG A 74 4.09 10.37 -14.05
C ARG A 74 5.10 9.29 -13.69
N CYS A 75 4.62 8.19 -13.11
CA CYS A 75 5.48 7.06 -12.77
C CYS A 75 6.13 6.42 -14.00
N ALA A 76 5.36 6.27 -15.08
CA ALA A 76 5.88 5.74 -16.35
C ALA A 76 6.99 6.62 -16.92
N HIS A 77 6.81 7.95 -16.79
CA HIS A 77 7.80 8.91 -17.26
C HIS A 77 9.08 8.84 -16.48
N HIS A 78 8.99 8.71 -15.15
CA HIS A 78 10.18 8.63 -14.30
C HIS A 78 10.92 7.33 -14.44
N LEU A 79 10.18 6.24 -14.63
CA LEU A 79 10.77 4.93 -14.86
C LEU A 79 11.58 4.94 -16.16
N THR A 80 10.94 5.38 -17.23
CA THR A 80 11.55 5.50 -18.55
C THR A 80 12.83 6.33 -18.50
N GLU A 81 12.78 7.42 -17.76
CA GLU A 81 13.94 8.29 -17.55
C GLU A 81 15.07 7.51 -16.87
N ALA A 82 14.71 6.72 -15.87
CA ALA A 82 15.66 5.86 -15.16
C ALA A 82 16.26 4.79 -16.07
N ILE A 83 15.43 4.20 -16.92
CA ILE A 83 15.87 3.15 -17.86
C ILE A 83 16.91 3.65 -18.87
N GLN A 84 16.78 4.90 -19.29
CA GLN A 84 17.75 5.48 -20.22
C GLN A 84 19.18 5.45 -19.67
N TYR A 85 19.31 5.67 -18.37
CA TYR A 85 20.61 5.59 -17.72
C TYR A 85 21.09 4.14 -17.59
N VAL A 86 20.16 3.20 -17.48
CA VAL A 86 20.51 1.78 -17.50
C VAL A 86 21.01 1.34 -18.88
N VAL A 87 20.40 1.89 -19.93
CA VAL A 87 20.86 1.64 -21.30
C VAL A 87 22.29 2.15 -21.47
N GLU A 88 22.56 3.36 -20.97
CA GLU A 88 23.89 3.96 -21.09
C GLU A 88 24.92 3.20 -20.26
N PHE A 89 24.53 2.77 -19.06
CA PHE A 89 25.36 1.87 -18.25
C PHE A 89 25.74 0.66 -19.08
N ALA A 90 24.72 0.02 -19.67
CA ALA A 90 24.92 -1.16 -20.53
C ALA A 90 25.83 -0.85 -21.71
N LYS A 91 25.63 0.30 -22.34
CA LYS A 91 26.48 0.73 -23.47
C LYS A 91 27.94 0.89 -23.07
N ARG A 92 28.17 1.40 -21.87
CA ARG A 92 29.54 1.58 -21.34
C ARG A 92 30.04 0.35 -20.59
N LEU A 93 29.23 -0.70 -20.52
CA LEU A 93 29.60 -1.91 -19.81
C LEU A 93 30.58 -2.72 -20.65
N SER A 94 31.69 -3.13 -20.03
CA SER A 94 32.75 -3.86 -20.71
C SER A 94 32.24 -5.18 -21.30
N GLY A 95 32.25 -5.29 -22.62
CA GLY A 95 31.85 -6.52 -23.32
C GLY A 95 30.49 -6.46 -23.99
N PHE A 96 29.62 -5.56 -23.52
CA PHE A 96 28.23 -5.52 -23.99
C PHE A 96 28.09 -5.11 -25.47
N MET A 97 28.84 -4.10 -25.89
CA MET A 97 28.72 -3.59 -27.26
C MET A 97 29.34 -4.50 -28.32
N GLU A 98 30.11 -5.50 -27.88
CA GLU A 98 30.67 -6.50 -28.78
C GLU A 98 29.68 -7.63 -29.07
N LEU A 99 28.62 -7.74 -28.25
CA LEU A 99 27.52 -8.67 -28.53
C LEU A 99 26.73 -8.14 -29.73
N CYS A 100 26.08 -9.04 -30.46
CA CYS A 100 25.20 -8.63 -31.56
C CYS A 100 24.02 -7.88 -30.98
N GLN A 101 23.46 -6.94 -31.73
CA GLN A 101 22.45 -6.04 -31.17
C GLN A 101 21.16 -6.77 -30.80
N ASN A 102 20.79 -7.79 -31.57
CA ASN A 102 19.70 -8.69 -31.19
C ASN A 102 19.79 -9.10 -29.72
N ASP A 103 20.97 -9.50 -29.29
CA ASP A 103 21.19 -9.92 -27.90
C ASP A 103 21.27 -8.72 -26.96
N GLN A 104 21.83 -7.61 -27.43
CA GLN A 104 21.80 -6.36 -26.67
C GLN A 104 20.36 -5.96 -26.34
N ILE A 105 19.47 -6.14 -27.31
CA ILE A 105 18.06 -5.78 -27.14
C ILE A 105 17.31 -6.81 -26.28
N VAL A 106 17.63 -8.08 -26.47
CA VAL A 106 17.05 -9.14 -25.63
C VAL A 106 17.41 -8.90 -24.16
N LEU A 107 18.69 -8.63 -23.90
CA LEU A 107 19.15 -8.38 -22.53
C LEU A 107 18.51 -7.14 -21.91
N LEU A 108 18.40 -6.06 -22.67
CA LEU A 108 17.86 -4.80 -22.15
C LEU A 108 16.34 -4.84 -21.99
N LYS A 109 15.64 -5.51 -22.91
CA LYS A 109 14.20 -5.71 -22.78
C LYS A 109 13.85 -6.44 -21.48
N ALA A 110 14.62 -7.48 -21.16
CA ALA A 110 14.38 -8.31 -19.98
C ALA A 110 15.07 -7.78 -18.71
N GLY A 111 16.12 -6.98 -18.88
CA GLY A 111 16.97 -6.58 -17.75
C GLY A 111 16.79 -5.17 -17.22
N ALA A 112 16.43 -4.24 -18.10
CA ALA A 112 16.40 -2.81 -17.75
C ALA A 112 15.59 -2.53 -16.49
N MET A 113 14.34 -2.98 -16.48
CA MET A 113 13.43 -2.80 -15.34
C MET A 113 14.03 -3.36 -14.07
N GLU A 114 14.60 -4.56 -14.17
CA GLU A 114 15.23 -5.24 -13.03
C GLU A 114 16.35 -4.40 -12.45
N VAL A 115 17.25 -3.91 -13.31
CA VAL A 115 18.37 -3.08 -12.86
C VAL A 115 17.84 -1.88 -12.11
N VAL A 116 16.82 -1.23 -12.66
CA VAL A 116 16.20 -0.07 -12.02
C VAL A 116 15.65 -0.40 -10.64
N LEU A 117 14.99 -1.56 -10.51
CA LEU A 117 14.49 -2.00 -9.20
C LEU A 117 15.62 -2.15 -8.18
N VAL A 118 16.75 -2.73 -8.60
CA VAL A 118 17.94 -2.82 -7.73
C VAL A 118 18.56 -1.44 -7.46
N ARG A 119 18.63 -0.60 -8.50
CA ARG A 119 19.14 0.77 -8.35
C ARG A 119 18.31 1.60 -7.39
N MET A 120 17.03 1.28 -7.26
CA MET A 120 16.10 2.07 -6.46
C MET A 120 16.38 2.03 -4.96
N CYS A 121 17.12 1.03 -4.49
CA CYS A 121 17.40 0.91 -3.05
C CYS A 121 18.33 2.01 -2.53
N ARG A 122 19.06 2.66 -3.44
CA ARG A 122 19.89 3.80 -3.09
C ARG A 122 19.04 5.02 -2.72
N ALA A 123 17.87 5.12 -3.34
CA ALA A 123 16.92 6.20 -3.07
C ALA A 123 15.79 5.71 -2.18
N TYR A 124 16.09 4.78 -1.27
CA TYR A 124 15.12 4.26 -0.32
C TYR A 124 15.70 4.39 1.09
N ASN A 125 14.87 4.88 2.01
CA ASN A 125 15.25 5.13 3.39
C ASN A 125 14.58 4.09 4.29
N ALA A 126 15.39 3.17 4.82
CA ALA A 126 14.87 2.07 5.65
C ALA A 126 14.33 2.53 7.00
N ASP A 127 14.88 3.62 7.53
CA ASP A 127 14.47 4.15 8.85
C ASP A 127 13.01 4.61 8.91
N ASN A 128 12.51 5.18 7.82
CA ASN A 128 11.09 5.59 7.73
C ASN A 128 10.29 4.94 6.60
N ARG A 129 10.95 4.13 5.76
CA ARG A 129 10.32 3.43 4.64
C ARG A 129 9.81 4.37 3.55
N THR A 130 10.68 5.29 3.12
CA THR A 130 10.32 6.27 2.10
C THR A 130 11.29 6.17 0.91
N VAL A 131 10.75 6.47 -0.27
CA VAL A 131 11.54 6.44 -1.51
C VAL A 131 11.57 7.87 -2.08
N PHE A 132 12.68 8.22 -2.75
CA PHE A 132 12.82 9.54 -3.35
C PHE A 132 12.00 9.61 -4.64
N PHE A 133 11.08 10.56 -4.69
CA PHE A 133 10.15 10.68 -5.80
C PHE A 133 9.76 12.13 -6.02
N GLU A 134 10.18 12.69 -7.15
CA GLU A 134 9.87 14.07 -7.52
C GLU A 134 10.36 15.05 -6.46
N GLY A 135 11.65 14.96 -6.13
CA GLY A 135 12.33 15.96 -5.30
C GLY A 135 12.14 15.84 -3.80
N LYS A 136 11.45 14.81 -3.36
CA LYS A 136 11.20 14.58 -1.93
C LYS A 136 10.99 13.11 -1.67
N TYR A 137 11.08 12.73 -0.39
CA TYR A 137 10.86 11.36 0.03
C TYR A 137 9.41 11.16 0.43
N GLY A 138 8.84 10.02 0.03
CA GLY A 138 7.44 9.68 0.36
C GLY A 138 7.25 8.19 0.54
N GLY A 139 6.22 7.83 1.31
CA GLY A 139 5.92 6.43 1.59
C GLY A 139 5.03 5.77 0.55
N MET A 140 4.63 4.53 0.84
CA MET A 140 3.75 3.74 -0.03
C MET A 140 2.41 4.39 -0.32
N GLU A 141 1.88 5.09 0.68
CA GLU A 141 0.58 5.75 0.56
C GLU A 141 0.61 6.89 -0.47
N LEU A 142 1.80 7.36 -0.81
CA LEU A 142 1.98 8.38 -1.85
C LEU A 142 1.58 7.86 -3.23
N PHE A 143 1.51 6.53 -3.39
CA PHE A 143 1.21 5.90 -4.68
C PHE A 143 -0.14 5.19 -4.72
N ARG A 144 -1.02 5.53 -3.78
CA ARG A 144 -2.31 4.85 -3.64
C ARG A 144 -3.26 5.08 -4.84
N ALA A 145 -3.06 6.19 -5.57
CA ALA A 145 -3.91 6.50 -6.72
C ALA A 145 -3.72 5.53 -7.89
N LEU A 146 -2.56 4.89 -7.97
CA LEU A 146 -2.26 3.95 -9.04
C LEU A 146 -3.22 2.77 -9.07
N GLY A 147 -3.71 2.35 -7.92
CA GLY A 147 -4.59 1.19 -7.82
C GLY A 147 -3.85 -0.11 -8.07
N CYS A 148 -2.67 -0.25 -7.47
CA CYS A 148 -1.88 -1.47 -7.57
C CYS A 148 -1.07 -1.66 -6.28
N SER A 149 -1.80 -1.75 -5.17
CA SER A 149 -1.22 -1.79 -3.83
C SER A 149 -0.20 -2.92 -3.63
N GLU A 150 -0.47 -4.09 -4.19
CA GLU A 150 0.43 -5.23 -4.03
C GLU A 150 1.77 -4.97 -4.71
N LEU A 151 1.73 -4.48 -5.94
CA LEU A 151 2.96 -4.17 -6.67
C LEU A 151 3.83 -3.20 -5.87
N ILE A 152 3.20 -2.18 -5.31
CA ILE A 152 3.92 -1.14 -4.56
C ILE A 152 4.55 -1.72 -3.29
N SER A 153 3.74 -2.42 -2.49
CA SER A 153 4.23 -3.10 -1.29
C SER A 153 5.42 -4.00 -1.60
N SER A 154 5.31 -4.79 -2.67
CA SER A 154 6.36 -5.72 -3.08
C SER A 154 7.67 -4.99 -3.34
N ILE A 155 7.59 -3.92 -4.14
CA ILE A 155 8.77 -3.12 -4.48
C ILE A 155 9.37 -2.48 -3.23
N PHE A 156 8.52 -1.92 -2.37
CA PHE A 156 8.99 -1.30 -1.13
C PHE A 156 9.68 -2.34 -0.24
N ASP A 157 9.12 -3.54 -0.16
CA ASP A 157 9.75 -4.64 0.56
C ASP A 157 11.07 -5.04 -0.11
N PHE A 158 11.05 -5.15 -1.43
CA PHE A 158 12.27 -5.48 -2.17
C PHE A 158 13.40 -4.49 -1.84
N SER A 159 13.09 -3.20 -1.90
CA SER A 159 14.05 -2.17 -1.54
C SER A 159 14.48 -2.28 -0.06
N HIS A 160 13.53 -2.61 0.81
CA HIS A 160 13.81 -2.71 2.24
C HIS A 160 14.79 -3.80 2.56
N SER A 161 14.71 -4.90 1.83
CA SER A 161 15.60 -6.04 2.05
C SER A 161 16.98 -5.82 1.43
N LEU A 162 17.06 -5.03 0.36
CA LEU A 162 18.35 -4.65 -0.21
C LEU A 162 19.03 -3.59 0.65
N SER A 163 18.23 -2.69 1.23
CA SER A 163 18.73 -1.73 2.21
C SER A 163 19.48 -2.41 3.35
N ALA A 164 18.96 -3.54 3.81
CA ALA A 164 19.56 -4.29 4.92
C ALA A 164 20.94 -4.86 4.59
N LEU A 165 21.34 -4.88 3.32
CA LEU A 165 22.66 -5.37 2.92
C LEU A 165 23.72 -4.28 2.93
N HIS A 166 23.29 -3.02 3.07
CA HIS A 166 24.21 -1.88 3.07
C HIS A 166 25.20 -1.97 1.94
N PHE A 167 24.66 -2.03 0.72
CA PHE A 167 25.48 -2.08 -0.48
C PHE A 167 26.39 -0.88 -0.60
N SER A 168 27.64 -1.12 -1.00
CA SER A 168 28.52 -0.05 -1.44
C SER A 168 28.18 0.27 -2.89
N GLU A 169 28.68 1.40 -3.38
CA GLU A 169 28.50 1.78 -4.79
C GLU A 169 29.15 0.76 -5.71
N ASP A 170 30.33 0.28 -5.32
CA ASP A 170 31.03 -0.76 -6.06
C ASP A 170 30.17 -2.02 -6.19
N GLU A 171 29.64 -2.49 -5.07
CA GLU A 171 28.83 -3.71 -5.03
C GLU A 171 27.55 -3.58 -5.88
N ILE A 172 26.86 -2.45 -5.74
CA ILE A 172 25.70 -2.13 -6.59
C ILE A 172 26.05 -2.30 -8.07
N ALA A 173 27.18 -1.72 -8.47
CA ALA A 173 27.62 -1.72 -9.86
C ALA A 173 27.81 -3.14 -10.39
N LEU A 174 28.49 -3.97 -9.62
CA LEU A 174 28.79 -5.33 -10.03
C LEU A 174 27.56 -6.22 -10.04
N TYR A 175 26.69 -6.08 -9.03
CA TYR A 175 25.46 -6.85 -8.98
C TYR A 175 24.49 -6.49 -10.12
N THR A 176 24.42 -5.20 -10.47
CA THR A 176 23.55 -4.76 -11.57
C THR A 176 24.08 -5.19 -12.93
N ALA A 177 25.40 -5.20 -13.09
CA ALA A 177 26.03 -5.74 -14.28
C ALA A 177 25.64 -7.21 -14.47
N LEU A 178 25.61 -7.96 -13.38
CA LEU A 178 25.22 -9.36 -13.41
C LEU A 178 23.72 -9.56 -13.62
N VAL A 179 22.90 -8.62 -13.15
CA VAL A 179 21.45 -8.67 -13.43
C VAL A 179 21.20 -8.44 -14.92
N LEU A 180 22.00 -7.57 -15.54
CA LEU A 180 21.87 -7.27 -16.97
C LEU A 180 22.45 -8.39 -17.85
N ILE A 181 23.63 -8.87 -17.50
CA ILE A 181 24.32 -9.89 -18.30
C ILE A 181 23.97 -11.28 -17.78
N ASN A 182 22.73 -11.69 -18.09
CA ASN A 182 22.19 -13.00 -17.73
C ASN A 182 22.08 -13.85 -18.99
N ALA A 183 22.81 -14.95 -19.03
CA ALA A 183 22.84 -15.84 -20.21
C ALA A 183 21.56 -16.66 -20.42
N HIS A 184 20.70 -16.72 -19.41
CA HIS A 184 19.50 -17.56 -19.47
C HIS A 184 18.27 -16.85 -19.96
N ARG A 185 18.42 -15.65 -20.52
CA ARG A 185 17.29 -14.94 -21.15
C ARG A 185 16.91 -15.63 -22.45
N PRO A 186 15.60 -15.93 -22.63
CA PRO A 186 15.18 -16.49 -23.92
C PRO A 186 15.38 -15.50 -25.08
N GLY A 187 15.90 -16.00 -26.19
CA GLY A 187 16.04 -15.20 -27.41
C GLY A 187 17.46 -14.81 -27.76
N LEU A 188 18.43 -15.27 -26.97
CA LEU A 188 19.83 -14.98 -27.20
C LEU A 188 20.37 -15.86 -28.32
N GLN A 189 20.89 -15.22 -29.37
CA GLN A 189 21.50 -15.92 -30.50
C GLN A 189 22.93 -16.38 -30.20
N GLU A 190 23.61 -15.67 -29.30
CA GLU A 190 24.98 -16.03 -28.92
C GLU A 190 25.06 -16.31 -27.43
N LYS A 191 24.43 -17.41 -27.02
CA LYS A 191 24.36 -17.81 -25.61
C LYS A 191 25.75 -17.97 -24.99
N ARG A 192 26.63 -18.71 -25.68
CA ARG A 192 27.98 -18.97 -25.18
C ARG A 192 28.76 -17.69 -24.88
N LYS A 193 28.65 -16.71 -25.78
CA LYS A 193 29.31 -15.41 -25.60
C LYS A 193 28.83 -14.70 -24.34
N VAL A 194 27.51 -14.77 -24.11
CA VAL A 194 26.91 -14.15 -22.93
C VAL A 194 27.25 -14.91 -21.65
N GLU A 195 27.31 -16.23 -21.76
CA GLU A 195 27.82 -17.08 -20.67
C GLU A 195 29.24 -16.68 -20.25
N GLN A 196 30.10 -16.41 -21.22
CA GLN A 196 31.48 -16.04 -20.93
C GLN A 196 31.56 -14.70 -20.22
N LEU A 197 30.81 -13.72 -20.73
CA LEU A 197 30.78 -12.40 -20.11
C LEU A 197 30.29 -12.51 -18.67
N GLN A 198 29.17 -13.20 -18.46
CA GLN A 198 28.59 -13.38 -17.13
C GLN A 198 29.62 -13.91 -16.15
N TYR A 199 30.27 -15.01 -16.53
CA TYR A 199 31.31 -15.65 -15.72
C TYR A 199 32.38 -14.68 -15.27
N ASN A 200 32.85 -13.86 -16.20
CA ASN A 200 33.90 -12.89 -15.90
C ASN A 200 33.44 -11.84 -14.91
N LEU A 201 32.22 -11.34 -15.13
CA LEU A 201 31.58 -10.40 -14.20
C LEU A 201 31.32 -11.05 -12.83
N GLU A 202 30.94 -12.32 -12.84
CA GLU A 202 30.78 -13.10 -11.60
C GLU A 202 32.11 -13.27 -10.88
N LEU A 203 33.16 -13.62 -11.63
CA LEU A 203 34.52 -13.70 -11.08
C LEU A 203 34.95 -12.37 -10.45
N ALA A 204 34.64 -11.27 -11.13
CA ALA A 204 34.97 -9.93 -10.66
C ALA A 204 34.21 -9.59 -9.37
N PHE A 205 32.90 -9.81 -9.40
CA PHE A 205 32.02 -9.55 -8.27
C PHE A 205 32.51 -10.34 -7.04
N HIS A 206 32.70 -11.64 -7.21
CA HIS A 206 33.15 -12.49 -6.11
C HIS A 206 34.54 -12.18 -5.62
N HIS A 207 35.42 -11.74 -6.53
CA HIS A 207 36.77 -11.29 -6.14
C HIS A 207 36.71 -10.05 -5.29
N HIS A 208 35.88 -9.09 -5.71
CA HIS A 208 35.70 -7.86 -4.94
C HIS A 208 35.16 -8.14 -3.57
N LEU A 209 34.11 -8.98 -3.50
CA LEU A 209 33.52 -9.38 -2.22
C LEU A 209 34.50 -10.12 -1.31
N CYS A 210 35.39 -10.90 -1.91
CA CYS A 210 36.40 -11.64 -1.16
C CYS A 210 37.42 -10.68 -0.55
N LYS A 211 38.05 -9.87 -1.39
CA LYS A 211 39.03 -8.87 -0.93
C LYS A 211 38.47 -7.97 0.17
N THR A 212 37.23 -7.53 0.01
CA THR A 212 36.60 -6.57 0.91
C THR A 212 35.89 -7.22 2.10
N HIS A 213 36.04 -8.53 2.26
CA HIS A 213 35.41 -9.28 3.37
C HIS A 213 33.93 -9.04 3.42
N ARG A 214 33.27 -9.35 2.32
CA ARG A 214 31.83 -9.12 2.18
C ARG A 214 31.12 -10.31 1.52
N GLN A 215 31.74 -11.48 1.54
CA GLN A 215 31.17 -12.68 0.90
C GLN A 215 29.90 -13.16 1.60
N SER A 216 29.67 -12.68 2.82
CA SER A 216 28.50 -13.07 3.60
C SER A 216 27.18 -12.62 2.97
N ILE A 217 27.22 -11.54 2.17
CA ILE A 217 25.99 -11.02 1.55
C ILE A 217 25.49 -11.92 0.41
N LEU A 218 26.37 -12.76 -0.15
CA LEU A 218 26.01 -13.67 -1.24
C LEU A 218 24.75 -14.47 -0.98
N ALA A 219 24.69 -15.09 0.21
CA ALA A 219 23.54 -15.88 0.61
C ALA A 219 22.31 -15.03 0.92
N LYS A 220 22.49 -13.72 0.98
CA LYS A 220 21.42 -12.78 1.33
C LYS A 220 20.83 -12.05 0.12
N LEU A 221 21.44 -12.20 -1.05
CA LEU A 221 20.88 -11.63 -2.27
C LEU A 221 19.61 -12.39 -2.62
N PRO A 222 18.55 -11.68 -3.03
CA PRO A 222 17.29 -12.36 -3.34
C PRO A 222 17.40 -13.17 -4.63
N PRO A 223 16.55 -14.19 -4.81
CA PRO A 223 16.70 -15.04 -6.00
C PRO A 223 16.42 -14.30 -7.32
N LYS A 224 16.76 -14.95 -8.43
CA LYS A 224 16.44 -14.45 -9.76
C LYS A 224 14.93 -14.40 -9.97
N GLY A 225 14.22 -15.32 -9.30
CA GLY A 225 12.76 -15.38 -9.37
C GLY A 225 12.03 -14.22 -8.73
N LYS A 226 12.66 -13.58 -7.74
CA LYS A 226 12.06 -12.44 -7.06
C LYS A 226 11.95 -11.23 -7.99
N LEU A 227 13.07 -10.87 -8.62
CA LEU A 227 13.08 -9.76 -9.57
C LEU A 227 12.11 -10.01 -10.72
N ARG A 228 12.12 -11.23 -11.25
CA ARG A 228 11.19 -11.63 -12.31
C ARG A 228 9.74 -11.50 -11.85
N SER A 229 9.47 -11.89 -10.61
CA SER A 229 8.12 -11.78 -10.07
C SER A 229 7.68 -10.31 -10.01
N LEU A 230 8.60 -9.41 -9.68
CA LEU A 230 8.32 -7.97 -9.65
C LEU A 230 8.10 -7.38 -11.04
N CYS A 231 8.86 -7.84 -12.03
CA CYS A 231 8.69 -7.37 -13.41
C CYS A 231 7.42 -7.92 -14.01
N SER A 232 7.13 -9.19 -13.71
CA SER A 232 5.88 -9.83 -14.12
C SER A 232 4.67 -9.05 -13.60
N GLN A 233 4.70 -8.69 -12.32
CA GLN A 233 3.65 -7.90 -11.69
C GLN A 233 3.46 -6.55 -12.36
N HIS A 234 4.58 -5.87 -12.65
CA HIS A 234 4.53 -4.56 -13.29
C HIS A 234 3.78 -4.63 -14.59
N VAL A 235 4.05 -5.65 -15.39
CA VAL A 235 3.38 -5.83 -16.68
C VAL A 235 1.91 -6.18 -16.53
N GLU A 236 1.58 -7.07 -15.59
CA GLU A 236 0.18 -7.39 -15.28
C GLU A 236 -0.61 -6.12 -15.03
N ARG A 237 -0.12 -5.29 -14.11
CA ARG A 237 -0.84 -4.09 -13.67
C ARG A 237 -0.98 -3.06 -14.78
N LEU A 238 0.01 -3.00 -15.67
CA LEU A 238 -0.05 -2.14 -16.85
C LEU A 238 -1.17 -2.60 -17.79
N GLN A 239 -1.27 -3.91 -18.03
CA GLN A 239 -2.33 -4.45 -18.89
C GLN A 239 -3.74 -4.17 -18.36
N ILE A 240 -3.88 -4.15 -17.04
CA ILE A 240 -5.15 -3.79 -16.41
C ILE A 240 -5.43 -2.29 -16.61
N PHE A 241 -4.41 -1.45 -16.47
CA PHE A 241 -4.55 -0.01 -16.69
C PHE A 241 -4.76 0.30 -18.18
N GLN A 242 -3.97 -0.37 -19.01
CA GLN A 242 -4.08 -0.28 -20.49
C GLN A 242 -5.52 -0.51 -20.94
N HIS A 243 -6.17 -1.49 -20.32
CA HIS A 243 -7.55 -1.85 -20.62
C HIS A 243 -8.54 -0.76 -20.24
N LEU A 244 -8.24 -0.04 -19.16
CA LEU A 244 -9.11 1.06 -18.69
C LEU A 244 -8.88 2.38 -19.43
N HIS A 245 -7.61 2.70 -19.69
CA HIS A 245 -7.24 3.96 -20.35
C HIS A 245 -6.34 3.71 -21.53
N PRO A 246 -6.87 3.11 -22.60
CA PRO A 246 -6.04 2.84 -23.79
C PRO A 246 -5.58 4.09 -24.55
N ILE A 247 -6.36 5.16 -24.51
CA ILE A 247 -6.00 6.38 -25.22
C ILE A 247 -4.86 7.11 -24.51
N VAL A 248 -4.86 7.09 -23.18
CA VAL A 248 -3.78 7.70 -22.39
C VAL A 248 -2.46 7.00 -22.65
N VAL A 249 -2.47 5.67 -22.68
CA VAL A 249 -1.26 4.92 -22.98
C VAL A 249 -0.72 5.32 -24.36
N GLN A 250 -1.58 5.30 -25.38
CA GLN A 250 -1.17 5.73 -26.72
C GLN A 250 -0.70 7.18 -26.73
N ALA A 251 -1.50 8.06 -26.14
CA ALA A 251 -1.27 9.50 -26.25
C ALA A 251 -0.23 10.06 -25.30
N ALA A 252 -0.17 9.52 -24.08
CA ALA A 252 0.52 10.17 -22.97
C ALA A 252 1.70 9.40 -22.35
N PHE A 253 1.90 8.14 -22.74
CA PHE A 253 3.00 7.35 -22.16
C PHE A 253 4.24 7.43 -23.05
N PRO A 254 5.45 7.27 -22.45
CA PRO A 254 6.67 7.35 -23.24
C PRO A 254 6.82 6.17 -24.20
N PRO A 255 7.25 6.42 -25.44
CA PRO A 255 7.46 5.36 -26.43
C PRO A 255 8.28 4.18 -25.91
N LEU A 256 9.38 4.46 -25.21
CA LEU A 256 10.28 3.41 -24.73
C LEU A 256 9.59 2.51 -23.69
N TYR A 257 8.75 3.12 -22.86
CA TYR A 257 7.97 2.37 -21.87
C TYR A 257 7.06 1.35 -22.55
N LYS A 258 6.45 1.76 -23.65
CA LYS A 258 5.50 0.92 -24.38
C LYS A 258 6.21 -0.21 -25.15
N GLU A 259 7.39 0.10 -25.69
CA GLU A 259 8.23 -0.90 -26.35
C GLU A 259 8.63 -2.03 -25.38
N LEU A 260 8.94 -1.65 -24.14
CA LEU A 260 9.46 -2.60 -23.16
C LEU A 260 8.37 -3.36 -22.43
N PHE A 261 7.25 -2.69 -22.15
CA PHE A 261 6.23 -3.22 -21.24
C PHE A 261 4.86 -3.45 -21.86
N SER A 262 4.41 -2.54 -22.72
CA SER A 262 3.05 -2.61 -23.27
C SER A 262 2.84 -3.80 -24.19
N THR A 263 3.87 -4.15 -24.96
CA THR A 263 3.83 -5.29 -25.88
C THR A 263 2.47 -5.43 -26.59
N GLU A 264 2.24 -4.59 -27.60
CA GLU A 264 0.97 -4.58 -28.31
C GLU A 264 1.10 -5.28 -29.65
N ALA B 1 4.74 4.75 -29.59
CA ALA B 1 5.83 4.37 -30.54
C ALA B 1 6.59 3.13 -30.05
N HIS B 2 7.63 2.75 -30.80
CA HIS B 2 8.39 1.54 -30.53
C HIS B 2 9.71 1.53 -31.26
N LYS B 3 10.54 0.52 -31.00
CA LYS B 3 11.90 0.40 -31.58
C LYS B 3 12.83 1.55 -31.15
N ILE B 4 12.62 2.06 -29.93
CA ILE B 4 13.45 3.11 -29.35
C ILE B 4 14.86 2.60 -29.02
N LEU B 5 14.93 1.40 -28.45
CA LEU B 5 16.21 0.80 -28.05
C LEU B 5 17.26 0.83 -29.16
N HIS B 6 16.89 0.32 -30.33
CA HIS B 6 17.76 0.32 -31.51
C HIS B 6 18.40 1.67 -31.73
N ARG B 7 17.57 2.73 -31.68
CA ARG B 7 18.06 4.10 -31.86
C ARG B 7 19.03 4.49 -30.74
N LEU B 8 18.67 4.16 -29.50
CA LEU B 8 19.52 4.47 -28.34
C LEU B 8 20.88 3.77 -28.38
N LEU B 9 20.88 2.52 -28.87
CA LEU B 9 22.10 1.72 -28.92
C LEU B 9 23.05 2.18 -30.03
N GLN B 10 22.49 2.47 -31.21
CA GLN B 10 23.30 2.90 -32.37
C GLN B 10 23.99 4.24 -32.15
N GLU B 11 23.39 5.10 -31.32
CA GLU B 11 23.94 6.41 -31.04
C GLU B 11 25.18 6.31 -30.16
N TYR C 19 -32.75 3.22 -10.48
CA TYR C 19 -33.63 3.77 -9.41
C TYR C 19 -34.36 5.01 -9.90
N ALA C 20 -35.26 4.79 -10.84
CA ALA C 20 -36.03 5.86 -11.48
C ALA C 20 -37.35 6.14 -10.76
N SER C 21 -37.74 5.28 -9.83
CA SER C 21 -38.96 5.47 -9.05
C SER C 21 -38.69 5.27 -7.56
N LEU C 22 -39.58 5.81 -6.74
CA LEU C 22 -39.43 5.76 -5.28
C LEU C 22 -39.57 4.34 -4.70
N THR C 23 -40.30 3.48 -5.40
CA THR C 23 -40.44 2.08 -4.98
C THR C 23 -39.08 1.38 -4.99
N GLU C 24 -38.31 1.60 -6.05
CA GLU C 24 -36.95 1.05 -6.16
C GLU C 24 -36.05 1.63 -5.07
N ILE C 25 -36.20 2.92 -4.79
CA ILE C 25 -35.42 3.59 -3.75
C ILE C 25 -35.74 3.03 -2.36
N GLU C 26 -37.02 2.85 -2.06
CA GLU C 26 -37.45 2.32 -0.76
C GLU C 26 -37.06 0.84 -0.60
N HIS C 27 -36.99 0.12 -1.71
CA HIS C 27 -36.50 -1.26 -1.69
C HIS C 27 -35.08 -1.29 -1.22
N LEU C 28 -34.26 -0.38 -1.72
CA LEU C 28 -32.86 -0.28 -1.35
C LEU C 28 -32.69 0.04 0.13
N VAL C 29 -33.52 0.94 0.65
CA VAL C 29 -33.49 1.27 2.07
C VAL C 29 -33.60 0.00 2.92
N GLN C 30 -34.63 -0.80 2.65
CA GLN C 30 -34.88 -2.02 3.44
C GLN C 30 -33.81 -3.09 3.21
N SER C 31 -33.21 -3.11 2.02
CA SER C 31 -32.08 -3.98 1.76
C SER C 31 -30.86 -3.61 2.61
N VAL C 32 -30.53 -2.32 2.62
CA VAL C 32 -29.39 -1.82 3.41
C VAL C 32 -29.62 -2.08 4.90
N CYS C 33 -30.82 -1.72 5.36
CA CYS C 33 -31.19 -1.87 6.77
C CYS C 33 -31.20 -3.33 7.23
N LYS C 34 -31.62 -4.23 6.34
CA LYS C 34 -31.58 -5.67 6.62
C LYS C 34 -30.13 -6.12 6.71
N SER C 35 -29.36 -5.88 5.65
CA SER C 35 -27.94 -6.25 5.62
C SER C 35 -27.23 -5.86 6.91
N TYR C 36 -27.57 -4.69 7.45
CA TYR C 36 -26.98 -4.23 8.70
C TYR C 36 -27.45 -5.06 9.89
N ARG C 37 -28.77 -5.24 10.04
CA ARG C 37 -29.32 -6.04 11.14
C ARG C 37 -28.66 -7.42 11.20
N GLU C 38 -28.43 -8.02 10.03
CA GLU C 38 -27.83 -9.36 9.93
C GLU C 38 -26.35 -9.43 10.32
N THR C 39 -25.68 -8.27 10.32
CA THR C 39 -24.23 -8.22 10.47
C THR C 39 -23.76 -7.20 11.51
N CYS C 40 -24.66 -6.79 12.41
CA CYS C 40 -24.36 -5.69 13.35
C CYS C 40 -23.46 -6.11 14.53
N GLN C 41 -23.18 -7.42 14.64
CA GLN C 41 -22.30 -7.97 15.70
C GLN C 41 -22.96 -8.00 17.08
N LEU C 42 -23.36 -6.84 17.57
CA LEU C 42 -24.05 -6.74 18.85
C LEU C 42 -25.41 -6.08 18.69
N ARG C 43 -26.45 -6.77 19.15
CA ARG C 43 -27.81 -6.22 19.16
C ARG C 43 -27.87 -5.00 20.07
N LEU C 44 -28.58 -3.96 19.64
CA LEU C 44 -28.75 -2.75 20.44
C LEU C 44 -29.40 -3.04 21.79
N GLU C 45 -30.35 -3.96 21.83
CA GLU C 45 -31.03 -4.32 23.09
C GLU C 45 -29.98 -4.86 24.06
N ASP C 46 -29.19 -5.83 23.58
CA ASP C 46 -28.12 -6.45 24.38
C ASP C 46 -27.08 -5.42 24.86
N LEU C 47 -26.85 -4.37 24.06
CA LEU C 47 -25.95 -3.28 24.47
C LEU C 47 -26.59 -2.36 25.53
N LEU C 48 -27.87 -2.05 25.35
CA LEU C 48 -28.61 -1.18 26.28
C LEU C 48 -28.84 -1.83 27.64
N ARG C 49 -29.18 -3.12 27.64
CA ARG C 49 -29.46 -3.86 28.88
C ARG C 49 -28.23 -3.90 29.79
N GLN C 50 -27.05 -3.74 29.20
CA GLN C 50 -25.78 -3.86 29.93
C GLN C 50 -25.24 -2.55 30.52
N ARG C 51 -26.00 -1.47 30.42
CA ARG C 51 -25.49 -0.14 30.79
C ARG C 51 -25.14 0.06 32.26
N SER C 52 -25.79 -0.67 33.17
CA SER C 52 -25.39 -0.66 34.58
C SER C 52 -24.10 -1.45 34.82
N ASN C 53 -23.81 -2.40 33.93
CA ASN C 53 -22.66 -3.30 34.08
C ASN C 53 -21.37 -2.54 33.79
N ILE C 54 -20.84 -1.91 34.82
CA ILE C 54 -19.69 -1.01 34.70
C ILE C 54 -18.50 -1.56 35.45
N PHE C 55 -17.32 -1.50 34.83
CA PHE C 55 -16.08 -1.92 35.47
C PHE C 55 -15.90 -1.22 36.82
N SER C 56 -15.47 -1.98 37.83
CA SER C 56 -15.20 -1.42 39.16
C SER C 56 -13.93 -0.57 39.14
N ARG C 57 -13.67 0.08 40.27
CA ARG C 57 -12.43 0.83 40.48
C ARG C 57 -11.22 -0.10 40.36
N GLU C 58 -11.37 -1.31 40.89
CA GLU C 58 -10.34 -2.33 40.88
C GLU C 58 -10.12 -2.90 39.48
N GLU C 59 -11.21 -3.25 38.79
CA GLU C 59 -11.13 -3.73 37.42
C GLU C 59 -10.47 -2.69 36.50
N VAL C 60 -10.81 -1.42 36.69
CA VAL C 60 -10.17 -0.33 35.95
C VAL C 60 -8.67 -0.24 36.27
N THR C 61 -8.34 -0.29 37.55
CA THR C 61 -6.93 -0.34 38.01
C THR C 61 -6.21 -1.52 37.39
N GLY C 62 -6.89 -2.66 37.27
CA GLY C 62 -6.34 -3.85 36.64
C GLY C 62 -5.95 -3.60 35.19
N TYR C 63 -6.88 -3.03 34.42
CA TYR C 63 -6.61 -2.68 33.02
C TYR C 63 -5.45 -1.68 32.89
N GLN C 64 -5.42 -0.70 33.79
CA GLN C 64 -4.35 0.30 33.80
C GLN C 64 -2.99 -0.34 34.16
N ARG C 65 -3.01 -1.40 34.97
CA ARG C 65 -1.79 -2.12 35.34
C ARG C 65 -1.30 -3.15 34.31
N LYS C 66 -2.12 -3.46 33.30
N LYS C 66 -2.12 -3.46 33.30
CA LYS C 66 -1.69 -4.30 32.18
CA LYS C 66 -1.68 -4.30 32.19
C LYS C 66 -0.55 -3.62 31.44
C LYS C 66 -0.55 -3.62 31.44
N SER C 67 0.32 -4.41 30.81
CA SER C 67 1.42 -3.86 30.03
C SER C 67 0.85 -3.27 28.74
N MET C 68 1.62 -2.37 28.13
CA MET C 68 1.18 -1.66 26.95
C MET C 68 0.90 -2.60 25.78
N TRP C 69 1.81 -3.55 25.56
CA TRP C 69 1.66 -4.49 24.45
C TRP C 69 0.52 -5.45 24.68
N GLU C 70 0.28 -5.81 25.92
CA GLU C 70 -0.84 -6.68 26.29
C GLU C 70 -2.17 -6.01 25.95
N MET C 71 -2.29 -4.74 26.31
CA MET C 71 -3.51 -3.97 26.02
C MET C 71 -3.69 -3.72 24.51
N TRP C 72 -2.59 -3.42 23.83
CA TRP C 72 -2.60 -3.22 22.38
C TRP C 72 -3.03 -4.47 21.66
N GLU C 73 -2.55 -5.62 22.10
CA GLU C 73 -2.98 -6.90 21.52
C GLU C 73 -4.49 -7.08 21.71
N ARG C 74 -4.99 -6.86 22.92
CA ARG C 74 -6.41 -7.03 23.19
C ARG C 74 -7.30 -6.13 22.32
N CYS C 75 -6.91 -4.86 22.19
CA CYS C 75 -7.68 -3.91 21.37
C CYS C 75 -7.65 -4.25 19.89
N ALA C 76 -6.47 -4.62 19.39
CA ALA C 76 -6.32 -5.03 17.99
C ALA C 76 -7.16 -6.26 17.66
N HIS C 77 -7.38 -7.14 18.63
CA HIS C 77 -8.22 -8.33 18.44
C HIS C 77 -9.69 -7.99 18.38
N HIS C 78 -10.14 -7.13 19.29
CA HIS C 78 -11.55 -6.73 19.31
C HIS C 78 -11.92 -5.84 18.16
N LEU C 79 -10.93 -5.13 17.63
CA LEU C 79 -11.14 -4.30 16.44
C LEU C 79 -11.22 -5.20 15.20
N THR C 80 -10.32 -6.18 15.13
CA THR C 80 -10.31 -7.14 14.02
C THR C 80 -11.63 -7.89 13.91
N GLU C 81 -12.17 -8.35 15.04
CA GLU C 81 -13.44 -9.09 15.02
C GLU C 81 -14.56 -8.19 14.49
N ALA C 82 -14.60 -6.94 14.93
CA ALA C 82 -15.57 -5.96 14.45
C ALA C 82 -15.45 -5.71 12.94
N ILE C 83 -14.21 -5.67 12.45
CA ILE C 83 -13.94 -5.52 11.01
C ILE C 83 -14.45 -6.72 10.20
N GLN C 84 -14.37 -7.92 10.77
CA GLN C 84 -14.89 -9.11 10.09
C GLN C 84 -16.40 -9.02 9.85
N TYR C 85 -17.11 -8.34 10.74
CA TYR C 85 -18.56 -8.12 10.58
C TYR C 85 -18.85 -7.04 9.55
N VAL C 86 -17.92 -6.09 9.41
CA VAL C 86 -18.05 -5.04 8.40
C VAL C 86 -17.84 -5.63 6.99
N VAL C 87 -16.87 -6.52 6.85
CA VAL C 87 -16.65 -7.22 5.59
C VAL C 87 -17.92 -7.98 5.18
N GLU C 88 -18.55 -8.62 6.15
CA GLU C 88 -19.80 -9.34 5.88
C GLU C 88 -20.93 -8.39 5.51
N PHE C 89 -21.09 -7.30 6.25
CA PHE C 89 -22.04 -6.24 5.89
C PHE C 89 -21.81 -5.79 4.45
N ALA C 90 -20.54 -5.58 4.10
CA ALA C 90 -20.15 -5.23 2.73
C ALA C 90 -20.56 -6.31 1.73
N LYS C 91 -20.30 -7.56 2.07
CA LYS C 91 -20.65 -8.68 1.18
C LYS C 91 -22.15 -8.81 0.93
N ARG C 92 -22.96 -8.39 1.90
CA ARG C 92 -24.42 -8.45 1.78
C ARG C 92 -25.00 -7.15 1.23
N LEU C 93 -24.17 -6.13 1.11
CA LEU C 93 -24.62 -4.82 0.65
C LEU C 93 -24.90 -4.83 -0.84
N SER C 94 -26.09 -4.36 -1.21
CA SER C 94 -26.56 -4.39 -2.60
C SER C 94 -25.69 -3.52 -3.51
N GLY C 95 -24.96 -4.18 -4.42
CA GLY C 95 -24.11 -3.48 -5.39
C GLY C 95 -22.62 -3.67 -5.14
N PHE C 96 -22.25 -4.11 -3.94
CA PHE C 96 -20.83 -4.21 -3.58
C PHE C 96 -20.12 -5.36 -4.28
N MET C 97 -20.75 -6.54 -4.31
CA MET C 97 -20.11 -7.74 -4.89
C MET C 97 -20.09 -7.74 -6.41
N GLU C 98 -20.80 -6.80 -7.03
CA GLU C 98 -20.74 -6.60 -8.49
C GLU C 98 -19.70 -5.55 -8.90
N LEU C 99 -18.90 -5.10 -7.93
CA LEU C 99 -17.68 -4.35 -8.22
C LEU C 99 -16.55 -5.36 -8.43
N CYS C 100 -15.47 -4.94 -9.09
CA CYS C 100 -14.28 -5.78 -9.22
C CYS C 100 -13.58 -5.84 -7.86
N GLN C 101 -12.81 -6.90 -7.62
CA GLN C 101 -12.27 -7.15 -6.29
C GLN C 101 -11.21 -6.12 -5.88
N ASN C 102 -10.50 -5.54 -6.85
CA ASN C 102 -9.60 -4.43 -6.58
C ASN C 102 -10.34 -3.30 -5.88
N ASP C 103 -11.50 -2.94 -6.42
CA ASP C 103 -12.33 -1.89 -5.84
C ASP C 103 -12.98 -2.33 -4.53
N GLN C 104 -13.39 -3.59 -4.45
CA GLN C 104 -13.90 -4.16 -3.19
C GLN C 104 -12.86 -4.01 -2.07
N ILE C 105 -11.61 -4.33 -2.38
CA ILE C 105 -10.54 -4.33 -1.38
C ILE C 105 -10.13 -2.91 -1.00
N VAL C 106 -9.96 -2.05 -2.00
CA VAL C 106 -9.71 -0.63 -1.76
C VAL C 106 -10.76 -0.07 -0.81
N LEU C 107 -12.03 -0.25 -1.13
CA LEU C 107 -13.13 0.28 -0.30
C LEU C 107 -13.08 -0.23 1.14
N LEU C 108 -12.74 -1.51 1.31
CA LEU C 108 -12.67 -2.09 2.65
C LEU C 108 -11.43 -1.62 3.41
N LYS C 109 -10.27 -1.60 2.74
CA LYS C 109 -9.03 -1.13 3.37
C LYS C 109 -9.14 0.28 3.91
N ALA C 110 -9.79 1.16 3.16
CA ALA C 110 -9.95 2.56 3.57
C ALA C 110 -11.13 2.79 4.51
N GLY C 111 -12.21 2.05 4.31
CA GLY C 111 -13.47 2.33 4.99
C GLY C 111 -13.88 1.41 6.12
N ALA C 112 -13.10 0.35 6.35
CA ALA C 112 -13.45 -0.65 7.36
C ALA C 112 -13.37 -0.10 8.78
N MET C 113 -12.30 0.64 9.07
CA MET C 113 -12.12 1.24 10.39
C MET C 113 -13.08 2.40 10.62
N GLU C 114 -13.44 3.10 9.54
CA GLU C 114 -14.40 4.20 9.61
C GLU C 114 -15.78 3.70 10.00
N VAL C 115 -16.20 2.57 9.44
CA VAL C 115 -17.53 2.00 9.74
C VAL C 115 -17.62 1.61 11.21
N VAL C 116 -16.57 0.98 11.72
CA VAL C 116 -16.55 0.52 13.12
C VAL C 116 -16.54 1.71 14.09
N LEU C 117 -15.81 2.76 13.75
CA LEU C 117 -15.84 3.99 14.54
C LEU C 117 -17.25 4.59 14.62
N VAL C 118 -18.04 4.43 13.55
CA VAL C 118 -19.44 4.88 13.56
C VAL C 118 -20.32 3.91 14.34
N ARG C 119 -20.18 2.61 14.06
CA ARG C 119 -20.92 1.57 14.80
C ARG C 119 -20.69 1.66 16.30
N MET C 120 -19.46 2.01 16.66
CA MET C 120 -19.05 2.15 18.06
C MET C 120 -20.00 2.99 18.92
N CYS C 121 -20.69 3.96 18.32
CA CYS C 121 -21.57 4.86 19.08
C CYS C 121 -22.77 4.14 19.68
N ARG C 122 -23.21 3.06 19.05
CA ARG C 122 -24.25 2.20 19.63
C ARG C 122 -23.79 1.60 20.96
N ALA C 123 -22.49 1.32 21.05
CA ALA C 123 -21.89 0.75 22.25
C ALA C 123 -21.50 1.80 23.29
N TYR C 124 -21.83 3.06 23.05
CA TYR C 124 -21.36 4.17 23.87
C TYR C 124 -22.50 4.78 24.70
N ASN C 125 -22.20 5.08 25.96
CA ASN C 125 -23.16 5.70 26.88
C ASN C 125 -22.73 7.13 27.18
N ALA C 126 -23.40 8.08 26.54
CA ALA C 126 -23.08 9.51 26.70
C ALA C 126 -23.38 10.03 28.11
N ASP C 127 -24.30 9.36 28.81
CA ASP C 127 -24.72 9.78 30.16
C ASP C 127 -23.60 9.64 31.19
N ASN C 128 -22.76 8.60 31.06
CA ASN C 128 -21.58 8.43 31.91
C ASN C 128 -20.26 8.34 31.14
N ARG C 129 -20.32 8.62 29.84
CA ARG C 129 -19.14 8.56 28.96
C ARG C 129 -18.36 7.26 29.11
N THR C 130 -18.97 6.17 28.64
CA THR C 130 -18.34 4.84 28.68
C THR C 130 -18.62 4.07 27.40
N VAL C 131 -17.78 3.07 27.13
CA VAL C 131 -17.93 2.21 25.94
C VAL C 131 -18.00 0.75 26.39
N PHE C 132 -18.64 -0.08 25.57
CA PHE C 132 -18.76 -1.52 25.87
C PHE C 132 -17.52 -2.25 25.36
N PHE C 133 -16.79 -2.86 26.30
CA PHE C 133 -15.48 -3.42 26.01
C PHE C 133 -15.23 -4.61 26.93
N GLU C 134 -15.13 -5.80 26.34
CA GLU C 134 -14.90 -7.04 27.08
C GLU C 134 -15.90 -7.26 28.22
N GLY C 135 -17.17 -7.02 27.91
CA GLY C 135 -18.27 -7.42 28.79
C GLY C 135 -18.90 -6.33 29.64
N LYS C 136 -18.14 -5.29 29.94
CA LYS C 136 -18.61 -4.21 30.80
C LYS C 136 -18.32 -2.84 30.23
N TYR C 137 -19.06 -1.85 30.72
CA TYR C 137 -18.90 -0.47 30.27
C TYR C 137 -17.77 0.22 31.01
N GLY C 138 -16.85 0.82 30.26
CA GLY C 138 -15.70 1.51 30.83
C GLY C 138 -15.43 2.84 30.14
N GLY C 139 -14.84 3.76 30.89
CA GLY C 139 -14.52 5.10 30.39
C GLY C 139 -13.15 5.13 29.74
N MET C 140 -12.76 6.33 29.30
CA MET C 140 -11.46 6.59 28.66
C MET C 140 -10.31 5.96 29.43
N GLU C 141 -10.28 6.21 30.74
CA GLU C 141 -9.14 5.84 31.58
C GLU C 141 -8.85 4.34 31.66
N LEU C 142 -9.80 3.51 31.22
CA LEU C 142 -9.57 2.06 31.11
C LEU C 142 -8.39 1.77 30.19
N PHE C 143 -8.25 2.58 29.14
CA PHE C 143 -7.29 2.33 28.06
C PHE C 143 -5.98 3.10 28.19
N ARG C 144 -5.69 3.59 29.39
CA ARG C 144 -4.53 4.44 29.62
C ARG C 144 -3.20 3.70 29.37
N ALA C 145 -3.21 2.38 29.48
CA ALA C 145 -2.01 1.56 29.27
C ALA C 145 -1.51 1.59 27.81
N LEU C 146 -2.40 1.91 26.88
CA LEU C 146 -2.05 1.92 25.44
C LEU C 146 -0.99 2.96 25.11
N GLY C 147 -1.04 4.10 25.80
CA GLY C 147 -0.12 5.21 25.52
C GLY C 147 -0.50 5.98 24.26
N CYS C 148 -1.81 6.17 24.07
CA CYS C 148 -2.32 6.98 22.97
C CYS C 148 -3.57 7.72 23.44
N SER C 149 -3.37 8.54 24.47
CA SER C 149 -4.46 9.26 25.14
C SER C 149 -5.26 10.17 24.21
N GLU C 150 -4.59 10.85 23.29
CA GLU C 150 -5.29 11.73 22.34
C GLU C 150 -6.18 10.92 21.41
N LEU C 151 -5.65 9.84 20.87
CA LEU C 151 -6.42 8.97 19.99
C LEU C 151 -7.71 8.49 20.66
N ILE C 152 -7.57 8.00 21.89
CA ILE C 152 -8.71 7.47 22.64
C ILE C 152 -9.70 8.59 22.98
N SER C 153 -9.20 9.76 23.34
CA SER C 153 -10.06 10.93 23.54
C SER C 153 -10.86 11.21 22.28
N SER C 154 -10.16 11.34 21.16
CA SER C 154 -10.79 11.63 19.87
C SER C 154 -11.88 10.63 19.50
N ILE C 155 -11.63 9.35 19.75
CA ILE C 155 -12.63 8.30 19.49
C ILE C 155 -13.84 8.48 20.41
N PHE C 156 -13.57 8.85 21.65
CA PHE C 156 -14.64 9.05 22.64
C PHE C 156 -15.49 10.27 22.34
N ASP C 157 -14.84 11.39 21.98
CA ASP C 157 -15.57 12.61 21.59
C ASP C 157 -16.38 12.37 20.32
N PHE C 158 -15.77 11.69 19.35
CA PHE C 158 -16.47 11.35 18.12
C PHE C 158 -17.76 10.60 18.45
N SER C 159 -17.62 9.52 19.22
CA SER C 159 -18.77 8.70 19.61
C SER C 159 -19.82 9.48 20.42
N HIS C 160 -19.38 10.49 21.16
CA HIS C 160 -20.30 11.35 21.90
C HIS C 160 -21.04 12.29 20.98
N SER C 161 -20.36 12.81 19.97
CA SER C 161 -21.01 13.68 18.99
C SER C 161 -22.04 12.90 18.18
N LEU C 162 -21.72 11.64 17.85
CA LEU C 162 -22.65 10.75 17.13
C LEU C 162 -23.87 10.35 17.97
N SER C 163 -23.65 10.13 19.27
N SER C 163 -23.64 10.14 19.27
CA SER C 163 -24.73 9.78 20.19
CA SER C 163 -24.73 9.78 20.20
C SER C 163 -25.73 10.92 20.41
C SER C 163 -25.73 10.92 20.41
N ALA C 164 -25.30 12.16 20.14
CA ALA C 164 -26.17 13.33 20.27
C ALA C 164 -27.25 13.40 19.19
N LEU C 165 -27.06 12.68 18.08
CA LEU C 165 -28.04 12.65 16.99
C LEU C 165 -29.13 11.61 17.24
N HIS C 166 -28.89 10.69 18.18
CA HIS C 166 -29.83 9.62 18.49
C HIS C 166 -30.18 8.82 17.27
N PHE C 167 -29.15 8.37 16.55
CA PHE C 167 -29.34 7.52 15.37
C PHE C 167 -30.31 6.39 15.67
N SER C 168 -31.23 6.14 14.74
CA SER C 168 -31.99 4.89 14.75
C SER C 168 -31.11 3.83 14.12
N GLU C 169 -31.50 2.57 14.27
CA GLU C 169 -30.76 1.46 13.65
C GLU C 169 -30.73 1.61 12.13
N ASP C 170 -31.87 1.97 11.56
CA ASP C 170 -31.98 2.10 10.11
C ASP C 170 -31.07 3.20 9.56
N GLU C 171 -30.98 4.32 10.28
CA GLU C 171 -30.08 5.42 9.93
C GLU C 171 -28.59 5.02 9.95
N ILE C 172 -28.19 4.25 10.95
CA ILE C 172 -26.81 3.77 11.05
C ILE C 172 -26.48 2.86 9.87
N ALA C 173 -27.42 1.97 9.55
CA ALA C 173 -27.26 1.07 8.42
C ALA C 173 -26.99 1.86 7.15
N LEU C 174 -27.84 2.85 6.89
CA LEU C 174 -27.73 3.66 5.68
C LEU C 174 -26.50 4.53 5.68
N TYR C 175 -26.20 5.18 6.80
CA TYR C 175 -25.04 6.05 6.92
C TYR C 175 -23.71 5.27 6.84
N THR C 176 -23.63 4.11 7.50
CA THR C 176 -22.43 3.29 7.43
C THR C 176 -22.24 2.68 6.05
N ALA C 177 -23.34 2.45 5.34
CA ALA C 177 -23.26 2.00 3.94
C ALA C 177 -22.60 3.08 3.07
N LEU C 178 -22.83 4.35 3.39
CA LEU C 178 -22.20 5.46 2.66
C LEU C 178 -20.77 5.73 3.11
N VAL C 179 -20.47 5.49 4.39
CA VAL C 179 -19.09 5.56 4.89
C VAL C 179 -18.22 4.60 4.08
N LEU C 180 -18.69 3.37 3.94
CA LEU C 180 -17.99 2.36 3.16
C LEU C 180 -17.94 2.72 1.67
N ILE C 181 -19.11 2.89 1.05
CA ILE C 181 -19.18 3.16 -0.38
C ILE C 181 -18.87 4.63 -0.66
N ASN C 182 -17.63 4.87 -1.09
CA ASN C 182 -17.10 6.21 -1.30
C ASN C 182 -16.24 6.23 -2.56
N ALA C 183 -16.69 6.96 -3.58
CA ALA C 183 -16.05 6.96 -4.90
C ALA C 183 -14.77 7.80 -4.97
N HIS C 184 -14.47 8.54 -3.91
CA HIS C 184 -13.24 9.32 -3.84
C HIS C 184 -12.02 8.51 -3.49
N ARG C 185 -12.20 7.29 -3.01
CA ARG C 185 -11.07 6.42 -2.60
C ARG C 185 -10.02 6.28 -3.72
N PRO C 186 -8.75 6.61 -3.42
CA PRO C 186 -7.70 6.40 -4.43
C PRO C 186 -7.49 4.92 -4.72
N GLY C 187 -7.25 4.59 -5.98
CA GLY C 187 -6.97 3.21 -6.39
C GLY C 187 -8.15 2.47 -6.97
N LEU C 188 -9.29 3.14 -7.08
CA LEU C 188 -10.49 2.57 -7.67
C LEU C 188 -10.35 2.51 -9.19
N GLN C 189 -10.53 1.33 -9.75
CA GLN C 189 -10.41 1.13 -11.21
C GLN C 189 -11.69 1.48 -11.96
N GLU C 190 -12.84 1.35 -11.30
CA GLU C 190 -14.14 1.61 -11.92
C GLU C 190 -14.91 2.63 -11.10
N LYS C 191 -14.33 3.83 -11.03
CA LYS C 191 -14.84 4.94 -10.23
C LYS C 191 -16.30 5.29 -10.51
N ARG C 192 -16.67 5.33 -11.78
CA ARG C 192 -18.04 5.70 -12.17
C ARG C 192 -19.09 4.73 -11.64
N LYS C 193 -18.73 3.44 -11.62
CA LYS C 193 -19.60 2.42 -11.09
C LYS C 193 -19.79 2.61 -9.58
N VAL C 194 -18.71 2.94 -8.88
CA VAL C 194 -18.79 3.24 -7.45
C VAL C 194 -19.54 4.55 -7.20
N GLU C 195 -19.30 5.55 -8.05
CA GLU C 195 -20.04 6.81 -7.98
C GLU C 195 -21.55 6.57 -8.11
N GLN C 196 -21.95 5.70 -9.03
CA GLN C 196 -23.37 5.45 -9.26
C GLN C 196 -24.02 4.80 -8.04
N LEU C 197 -23.38 3.76 -7.53
CA LEU C 197 -23.85 3.06 -6.34
C LEU C 197 -23.89 3.99 -5.11
N GLN C 198 -22.92 4.88 -5.02
CA GLN C 198 -22.89 5.88 -3.95
C GLN C 198 -24.07 6.84 -4.03
N TYR C 199 -24.42 7.27 -5.24
CA TYR C 199 -25.53 8.19 -5.46
C TYR C 199 -26.88 7.56 -5.12
N ASN C 200 -27.06 6.32 -5.52
CA ASN C 200 -28.29 5.59 -5.24
C ASN C 200 -28.48 5.41 -3.72
N LEU C 201 -27.37 5.14 -3.03
CA LEU C 201 -27.37 5.01 -1.57
C LEU C 201 -27.56 6.35 -0.85
N GLU C 202 -27.12 7.44 -1.47
CA GLU C 202 -27.36 8.78 -0.94
C GLU C 202 -28.84 9.16 -1.07
N LEU C 203 -29.46 8.78 -2.19
CA LEU C 203 -30.90 8.96 -2.37
C LEU C 203 -31.68 8.15 -1.34
N ALA C 204 -31.36 6.87 -1.23
CA ALA C 204 -32.01 5.97 -0.26
C ALA C 204 -31.94 6.56 1.16
N PHE C 205 -30.74 7.01 1.53
CA PHE C 205 -30.52 7.63 2.83
C PHE C 205 -31.38 8.89 2.99
N HIS C 206 -31.27 9.82 2.04
CA HIS C 206 -32.00 11.08 2.12
C HIS C 206 -33.50 10.93 2.01
N HIS C 207 -33.95 9.96 1.21
CA HIS C 207 -35.40 9.65 1.10
C HIS C 207 -35.96 9.13 2.40
N HIS C 208 -35.19 8.28 3.07
CA HIS C 208 -35.56 7.77 4.39
C HIS C 208 -35.63 8.86 5.43
N LEU C 209 -34.67 9.77 5.39
CA LEU C 209 -34.67 10.94 6.28
C LEU C 209 -35.86 11.87 6.04
N CYS C 210 -36.23 12.04 4.78
CA CYS C 210 -37.37 12.88 4.44
C CYS C 210 -38.68 12.24 4.93
N LYS C 211 -38.80 10.92 4.72
CA LYS C 211 -39.98 10.17 5.18
C LYS C 211 -40.12 10.14 6.70
N THR C 212 -38.98 10.10 7.41
CA THR C 212 -38.98 10.08 8.88
C THR C 212 -38.86 11.48 9.49
N HIS C 213 -38.96 12.52 8.67
CA HIS C 213 -38.83 13.91 9.12
C HIS C 213 -37.54 14.13 9.86
N ARG C 214 -36.45 13.54 9.35
CA ARG C 214 -35.15 13.56 10.03
C ARG C 214 -34.05 14.19 9.17
N GLN C 215 -34.40 15.12 8.30
CA GLN C 215 -33.40 15.78 7.47
C GLN C 215 -32.45 16.64 8.31
N SER C 216 -32.91 17.05 9.48
CA SER C 216 -32.15 17.93 10.38
C SER C 216 -30.77 17.40 10.81
N ILE C 217 -30.59 16.08 10.79
CA ILE C 217 -29.30 15.49 11.20
C ILE C 217 -28.18 15.71 10.19
N LEU C 218 -28.52 15.96 8.93
CA LEU C 218 -27.54 16.03 7.84
C LEU C 218 -26.45 17.07 8.06
N ALA C 219 -26.86 18.27 8.48
CA ALA C 219 -25.90 19.34 8.79
C ALA C 219 -25.05 19.01 10.01
N LYS C 220 -25.57 18.14 10.89
CA LYS C 220 -24.90 17.78 12.14
C LYS C 220 -24.06 16.49 12.03
N LEU C 221 -24.00 15.90 10.84
CA LEU C 221 -23.14 14.74 10.59
C LEU C 221 -21.67 15.19 10.57
N PRO C 222 -20.73 14.28 10.88
CA PRO C 222 -19.32 14.68 10.90
C PRO C 222 -18.77 14.87 9.48
N PRO C 223 -17.87 15.85 9.29
CA PRO C 223 -17.19 15.96 8.00
C PRO C 223 -16.43 14.69 7.63
N LYS C 224 -16.24 14.49 6.32
CA LYS C 224 -15.54 13.32 5.79
C LYS C 224 -14.10 13.28 6.30
N GLY C 225 -13.49 14.45 6.48
CA GLY C 225 -12.13 14.57 7.00
C GLY C 225 -11.96 14.16 8.46
N LYS C 226 -13.06 14.12 9.21
CA LYS C 226 -13.00 13.73 10.61
C LYS C 226 -12.78 12.22 10.77
N LEU C 227 -13.43 11.43 9.93
CA LEU C 227 -13.23 9.98 9.94
C LEU C 227 -11.83 9.61 9.44
N ARG C 228 -11.36 10.35 8.45
CA ARG C 228 -9.98 10.23 7.96
C ARG C 228 -8.99 10.52 9.08
N SER C 229 -9.19 11.66 9.75
CA SER C 229 -8.36 12.06 10.89
C SER C 229 -8.17 10.94 11.91
N LEU C 230 -9.27 10.31 12.34
CA LEU C 230 -9.24 9.24 13.34
C LEU C 230 -8.47 7.99 12.85
N CYS C 231 -8.75 7.55 11.62
CA CYS C 231 -8.05 6.42 11.02
C CYS C 231 -6.57 6.69 10.81
N SER C 232 -6.24 7.95 10.51
CA SER C 232 -4.86 8.38 10.36
C SER C 232 -4.14 8.34 11.71
N GLN C 233 -4.77 8.91 12.74
CA GLN C 233 -4.24 8.86 14.10
C GLN C 233 -4.00 7.43 14.56
N HIS C 234 -4.92 6.53 14.21
CA HIS C 234 -4.78 5.12 14.56
C HIS C 234 -3.57 4.50 13.92
N VAL C 235 -3.35 4.81 12.64
CA VAL C 235 -2.20 4.27 11.92
C VAL C 235 -0.89 4.85 12.43
N GLU C 236 -0.89 6.10 12.84
CA GLU C 236 0.32 6.74 13.36
C GLU C 236 0.71 6.24 14.76
N ARG C 237 -0.27 5.92 15.60
CA ARG C 237 0.02 5.39 16.93
C ARG C 237 0.43 3.91 16.89
N LEU C 238 -0.02 3.19 15.86
CA LEU C 238 0.41 1.82 15.63
C LEU C 238 1.85 1.73 15.15
N GLN C 239 2.28 2.67 14.31
CA GLN C 239 3.68 2.72 13.87
C GLN C 239 4.60 2.96 15.07
N ILE C 240 4.26 3.94 15.90
CA ILE C 240 4.98 4.21 17.14
C ILE C 240 5.06 2.96 18.02
N PHE C 241 3.95 2.25 18.19
CA PHE C 241 3.93 1.04 19.02
C PHE C 241 4.74 -0.09 18.39
N GLN C 242 4.53 -0.32 17.09
CA GLN C 242 5.21 -1.41 16.37
C GLN C 242 6.73 -1.27 16.43
N HIS C 243 7.23 -0.04 16.35
CA HIS C 243 8.65 0.25 16.47
C HIS C 243 9.17 -0.13 17.84
N LEU C 244 8.33 0.07 18.88
CA LEU C 244 8.70 -0.27 20.25
C LEU C 244 8.66 -1.78 20.56
N HIS C 245 7.73 -2.49 19.91
CA HIS C 245 7.55 -3.92 20.16
C HIS C 245 7.27 -4.65 18.86
N PRO C 246 8.26 -4.72 17.97
CA PRO C 246 8.03 -5.29 16.62
C PRO C 246 7.61 -6.77 16.61
N ILE C 247 8.20 -7.58 17.48
CA ILE C 247 7.90 -9.01 17.50
C ILE C 247 6.50 -9.28 18.04
N VAL C 248 6.00 -8.41 18.91
CA VAL C 248 4.65 -8.53 19.43
C VAL C 248 3.65 -8.43 18.29
N VAL C 249 3.85 -7.46 17.40
CA VAL C 249 3.02 -7.32 16.21
C VAL C 249 3.18 -8.55 15.31
N GLN C 250 4.40 -9.00 15.10
CA GLN C 250 4.66 -10.20 14.28
C GLN C 250 3.90 -11.38 14.85
N ALA C 251 4.12 -11.64 16.14
CA ALA C 251 3.68 -12.86 16.78
C ALA C 251 2.23 -12.83 17.26
N ALA C 252 1.76 -11.67 17.70
CA ALA C 252 0.54 -11.60 18.51
C ALA C 252 -0.64 -10.82 17.92
N PHE C 253 -0.40 -10.01 16.90
CA PHE C 253 -1.47 -9.23 16.27
C PHE C 253 -2.11 -10.03 15.15
N PRO C 254 -3.44 -9.88 14.94
CA PRO C 254 -4.10 -10.64 13.89
C PRO C 254 -3.61 -10.26 12.48
N PRO C 255 -3.52 -11.26 11.58
CA PRO C 255 -3.18 -11.05 10.16
C PRO C 255 -4.00 -9.96 9.48
N LEU C 256 -5.33 -10.01 9.66
CA LEU C 256 -6.24 -9.06 9.03
C LEU C 256 -5.98 -7.62 9.48
N TYR C 257 -5.74 -7.43 10.78
CA TYR C 257 -5.42 -6.11 11.33
C TYR C 257 -4.15 -5.56 10.71
N LYS C 258 -3.11 -6.38 10.64
CA LYS C 258 -1.83 -5.97 10.08
C LYS C 258 -1.96 -5.58 8.60
N GLU C 259 -2.64 -6.41 7.82
CA GLU C 259 -2.90 -6.10 6.42
C GLU C 259 -3.53 -4.72 6.24
N LEU C 260 -4.52 -4.40 7.07
CA LEU C 260 -5.23 -3.12 6.96
C LEU C 260 -4.40 -1.93 7.45
N PHE C 261 -3.60 -2.14 8.51
CA PHE C 261 -3.01 -1.01 9.25
C PHE C 261 -1.48 -0.96 9.35
N SER C 262 -0.80 -2.08 9.15
CA SER C 262 0.67 -2.12 9.27
C SER C 262 1.38 -1.47 8.08
N THR C 263 0.98 -1.88 6.87
CA THR C 263 1.63 -1.45 5.61
C THR C 263 3.12 -1.83 5.54
N GLU C 264 3.39 -3.10 5.27
CA GLU C 264 4.75 -3.63 5.17
C GLU C 264 4.82 -4.80 4.20
N ALA D 1 0.56 -12.43 8.78
CA ALA D 1 0.45 -12.65 7.31
C ALA D 1 -0.48 -11.62 6.67
N HIS D 2 -0.33 -11.44 5.37
CA HIS D 2 -1.14 -10.47 4.59
C HIS D 2 -1.99 -11.17 3.56
N LYS D 3 -2.84 -10.39 2.90
CA LYS D 3 -3.80 -10.90 1.90
C LYS D 3 -4.88 -11.81 2.50
N ILE D 4 -5.53 -11.31 3.54
CA ILE D 4 -6.63 -12.00 4.23
C ILE D 4 -8.00 -11.59 3.67
N LEU D 5 -8.13 -10.32 3.29
CA LEU D 5 -9.36 -9.79 2.69
C LEU D 5 -9.83 -10.59 1.48
N HIS D 6 -8.89 -10.93 0.58
CA HIS D 6 -9.19 -11.75 -0.59
C HIS D 6 -9.92 -13.01 -0.21
N ARG D 7 -9.41 -13.69 0.81
CA ARG D 7 -10.02 -14.94 1.29
C ARG D 7 -11.44 -14.75 1.82
N LEU D 8 -11.66 -13.68 2.58
CA LEU D 8 -12.98 -13.40 3.15
C LEU D 8 -14.02 -13.10 2.07
N LEU D 9 -13.57 -12.49 0.97
CA LEU D 9 -14.46 -12.15 -0.14
C LEU D 9 -14.78 -13.36 -1.04
N GLN D 10 -13.77 -14.20 -1.28
CA GLN D 10 -13.94 -15.42 -2.09
C GLN D 10 -14.90 -16.42 -1.45
N GLU D 11 -14.95 -16.43 -0.12
CA GLU D 11 -15.82 -17.34 0.62
C GLU D 11 -17.27 -16.89 0.54
#